data_2I66
#
_entry.id   2I66
#
_cell.length_a   41.710
_cell.length_b   52.812
_cell.length_c   65.424
_cell.angle_alpha   105.93
_cell.angle_beta   91.80
_cell.angle_gamma   95.22
#
_symmetry.space_group_name_H-M   'P 1'
#
loop_
_entity.id
_entity.type
_entity.pdbx_description
1 polymer 'ADP-ribosyl cyclase 1'
2 non-polymer '[(2R,3R,4R,5R)-5-(2-AMINO-6-OXO-1,6-DIHYDRO-9H-PURIN-9-YL)-3,4-DIHYDROXYTETRAHYDROFURAN-2-YL]METHYL [(2R,3S,4R,5S)-3,4,5-TRIHYDROXYTETRAHYDROFURAN-2-YL]METHYL DIHYDROGEN DIPHOSPHATE'
3 non-polymer '[(2R,3R,4R,5R)-5-(2-AMINO-6-OXO-1,6-DIHYDRO-9H-PURIN-9-YL)-3,4-DIHYDROXYTETRAHYDROFURAN-2-YL]METHYL [(2R,3S,4S)-3,4-DIHYDROXYTETRAHYDROFURAN-2-YL]METHYL DIHYDROGEN DIPHOSPHATE'
4 water water
#
_entity_poly.entity_id   1
_entity_poly.type   'polypeptide(L)'
_entity_poly.pdbx_seq_one_letter_code
;KREAEARWRQTWSGPGTTKRFPETVLARCVKYTEIHPEMRHVDCQSVWDAFKGAFISKHPCDITEEDYQPLMKLGTQTVP
CNKILLWSRIKDLAHQFTQVQRDMFTLEDTLLGYLADDLTWCGEFDTSKINYQSCPDWRKDCSNNPVSVFWKTVSRRFAE
AACDVVHVMLDGSRSKIFDKDSTFGSVEVHNLQPEKVQTLEAWVIHGGREDSRDLCQDPTIKELESIISKRNIQFSCKNI
YRPDKFLQCVKNPEDSSCTSEI
;
_entity_poly.pdbx_strand_id   A,B
#
# COMPACT_ATOMS: atom_id res chain seq x y z
N ARG A 7 -33.96 20.54 4.08
CA ARG A 7 -33.87 19.32 4.92
C ARG A 7 -33.59 19.63 6.39
N TRP A 8 -34.30 18.93 7.24
CA TRP A 8 -34.04 18.86 8.67
C TRP A 8 -33.13 17.68 8.99
N ARG A 9 -32.79 16.89 7.97
CA ARG A 9 -31.89 15.74 8.12
C ARG A 9 -31.02 15.55 6.87
N GLN A 10 -29.70 15.52 7.08
CA GLN A 10 -28.80 15.35 5.95
C GLN A 10 -28.43 13.88 5.71
N THR A 11 -27.92 13.60 4.51
CA THR A 11 -27.58 12.24 4.10
C THR A 11 -26.43 11.72 4.93
N TRP A 12 -25.39 12.55 5.07
CA TRP A 12 -24.20 12.16 5.78
C TRP A 12 -24.09 12.90 7.10
N SER A 13 -23.18 12.41 7.94
CA SER A 13 -22.99 12.96 9.29
C SER A 13 -21.96 14.07 9.37
N GLY A 14 -21.18 14.27 8.31
CA GLY A 14 -20.17 15.34 8.30
C GLY A 14 -20.60 16.63 7.63
N PRO A 15 -19.87 17.73 7.87
CA PRO A 15 -20.10 19.01 7.14
C PRO A 15 -19.99 18.81 5.63
N GLY A 16 -20.78 19.59 4.90
CA GLY A 16 -20.84 19.48 3.44
C GLY A 16 -19.67 20.22 2.81
N THR A 17 -19.64 20.25 1.48
CA THR A 17 -18.53 20.88 0.75
C THR A 17 -18.37 22.37 1.09
N THR A 18 -17.14 22.82 1.28
CA THR A 18 -16.86 24.22 1.58
C THR A 18 -17.49 25.10 0.50
N LYS A 19 -18.15 26.16 0.93
CA LYS A 19 -18.87 27.03 0.02
C LYS A 19 -17.88 27.54 -1.03
N ARG A 20 -18.35 27.63 -2.27
CA ARG A 20 -17.54 28.08 -3.39
C ARG A 20 -16.24 27.28 -3.51
N PHE A 21 -16.33 25.98 -3.24
CA PHE A 21 -15.17 25.08 -3.40
C PHE A 21 -14.38 25.24 -4.72
N PRO A 22 -15.07 25.17 -5.87
CA PRO A 22 -14.38 25.23 -7.18
C PRO A 22 -13.58 26.50 -7.36
N GLU A 23 -14.20 27.64 -7.04
CA GLU A 23 -13.59 28.96 -7.10
C GLU A 23 -12.41 29.08 -6.13
N THR A 24 -12.59 28.51 -4.93
CA THR A 24 -11.54 28.55 -3.88
C THR A 24 -10.29 27.78 -4.29
N VAL A 25 -10.47 26.56 -4.81
CA VAL A 25 -9.35 25.73 -5.26
C VAL A 25 -8.64 26.39 -6.44
N LEU A 26 -9.43 26.90 -7.39
CA LEU A 26 -8.86 27.54 -8.57
C LEU A 26 -8.01 28.76 -8.14
N ALA A 27 -8.56 29.59 -7.27
CA ALA A 27 -7.84 30.77 -6.78
C ALA A 27 -6.54 30.40 -6.08
N ARG A 28 -6.61 29.37 -5.23
CA ARG A 28 -5.43 28.88 -4.49
C ARG A 28 -4.37 28.39 -5.46
N CYS A 29 -4.79 27.72 -6.52
CA CYS A 29 -3.86 27.23 -7.48
C CYS A 29 -3.19 28.42 -8.18
N VAL A 30 -3.97 29.40 -8.60
CA VAL A 30 -3.38 30.61 -9.21
C VAL A 30 -2.39 31.31 -8.26
N LYS A 31 -2.80 31.56 -7.03
CA LYS A 31 -1.91 32.18 -6.06
C LYS A 31 -0.61 31.39 -5.82
N TYR A 32 -0.73 30.09 -5.55
CA TYR A 32 0.43 29.23 -5.37
C TYR A 32 1.41 29.29 -6.55
N THR A 33 0.89 29.12 -7.75
CA THR A 33 1.73 29.04 -8.93
C THR A 33 2.35 30.42 -9.28
N GLU A 34 1.72 31.50 -8.80
CA GLU A 34 2.31 32.83 -8.98
C GLU A 34 3.50 33.03 -8.06
N ILE A 35 3.36 32.57 -6.81
CA ILE A 35 4.37 32.77 -5.76
C ILE A 35 5.56 31.80 -5.85
N HIS A 36 5.26 30.54 -6.11
CA HIS A 36 6.28 29.48 -6.11
C HIS A 36 6.79 29.23 -7.51
N PRO A 37 8.04 29.62 -7.76
CA PRO A 37 8.54 29.63 -9.13
C PRO A 37 8.61 28.26 -9.83
N GLU A 38 8.86 27.20 -9.09
CA GLU A 38 8.95 25.86 -9.70
C GLU A 38 7.59 25.39 -10.23
N MET A 39 6.50 26.01 -9.76
CA MET A 39 5.16 25.64 -10.21
C MET A 39 4.55 26.67 -11.16
N ARG A 40 5.37 27.63 -11.57
CA ARG A 40 5.02 28.73 -12.48
C ARG A 40 4.24 28.31 -13.72
N HIS A 41 4.44 27.07 -14.15
CA HIS A 41 3.95 26.63 -15.45
C HIS A 41 2.70 25.77 -15.35
N VAL A 42 2.31 25.42 -14.12
CA VAL A 42 1.13 24.58 -13.92
C VAL A 42 -0.11 25.26 -14.49
N ASP A 43 -0.98 24.48 -15.14
CA ASP A 43 -2.25 24.99 -15.68
C ASP A 43 -3.30 24.68 -14.63
N CYS A 44 -3.80 25.73 -13.99
CA CYS A 44 -4.70 25.62 -12.85
C CYS A 44 -6.08 25.11 -13.21
N GLN A 45 -6.54 25.41 -14.43
CA GLN A 45 -7.75 24.80 -14.94
C GLN A 45 -7.60 23.27 -15.00
N SER A 46 -6.44 22.81 -15.47
CA SER A 46 -6.17 21.38 -15.58
C SER A 46 -6.14 20.73 -14.18
N VAL A 47 -5.57 21.45 -13.23
CA VAL A 47 -5.52 20.97 -11.85
C VAL A 47 -6.93 20.85 -11.30
N TRP A 48 -7.74 21.88 -11.49
CA TRP A 48 -9.15 21.77 -11.06
C TRP A 48 -9.89 20.61 -11.72
N ASP A 49 -9.73 20.46 -13.04
CA ASP A 49 -10.40 19.34 -13.74
C ASP A 49 -10.04 17.95 -13.18
N ALA A 50 -8.76 17.78 -12.84
CA ALA A 50 -8.27 16.51 -12.32
C ALA A 50 -8.74 16.32 -10.88
N PHE A 51 -8.84 17.42 -10.14
CA PHE A 51 -9.27 17.35 -8.71
C PHE A 51 -10.75 16.92 -8.75
N LYS A 52 -11.54 17.65 -9.54
CA LYS A 52 -12.95 17.36 -9.78
C LYS A 52 -13.16 15.91 -10.23
N GLY A 53 -12.33 15.44 -11.16
CA GLY A 53 -12.46 14.07 -11.69
C GLY A 53 -12.31 12.97 -10.67
N ALA A 54 -11.60 13.28 -9.58
CA ALA A 54 -11.40 12.34 -8.48
C ALA A 54 -12.68 11.99 -7.75
N PHE A 55 -13.60 12.94 -7.61
CA PHE A 55 -14.77 12.68 -6.77
C PHE A 55 -16.15 12.93 -7.38
N ILE A 56 -16.21 13.69 -8.46
CA ILE A 56 -17.52 14.00 -9.05
C ILE A 56 -18.11 12.74 -9.70
N SER A 57 -19.41 12.53 -9.51
CA SER A 57 -20.12 11.39 -10.09
C SER A 57 -19.73 10.05 -9.44
N LYS A 58 -19.02 10.11 -8.32
CA LYS A 58 -18.57 8.89 -7.68
C LYS A 58 -19.23 8.83 -6.33
N HIS A 59 -19.47 7.62 -5.82
CA HIS A 59 -20.07 7.47 -4.51
C HIS A 59 -19.04 7.92 -3.49
N PRO A 60 -19.41 8.82 -2.57
CA PRO A 60 -18.39 9.40 -1.71
C PRO A 60 -17.96 8.46 -0.60
N CYS A 61 -18.47 7.24 -0.59
CA CYS A 61 -17.89 6.20 0.28
C CYS A 61 -17.08 5.17 -0.47
N ASP A 62 -16.76 5.46 -1.73
CA ASP A 62 -16.05 4.52 -2.57
C ASP A 62 -14.91 5.17 -3.34
N ILE A 63 -14.16 6.04 -2.67
CA ILE A 63 -13.07 6.75 -3.34
C ILE A 63 -11.81 5.95 -3.08
N THR A 64 -10.92 5.93 -4.06
CA THR A 64 -9.68 5.17 -3.96
C THR A 64 -8.55 6.14 -4.27
N GLU A 65 -7.33 5.68 -4.02
CA GLU A 65 -6.16 6.50 -4.29
C GLU A 65 -6.01 6.71 -5.79
N GLU A 66 -6.49 5.75 -6.59
CA GLU A 66 -6.36 5.85 -8.04
C GLU A 66 -7.12 7.03 -8.56
N ASP A 67 -8.24 7.35 -7.90
CA ASP A 67 -9.08 8.46 -8.32
C ASP A 67 -8.26 9.73 -8.32
N TYR A 68 -7.31 9.84 -7.40
CA TYR A 68 -6.52 11.08 -7.29
C TYR A 68 -5.22 11.06 -8.09
N GLN A 69 -4.99 10.01 -8.88
CA GLN A 69 -3.72 9.92 -9.57
C GLN A 69 -3.52 11.01 -10.66
N PRO A 70 -4.57 11.32 -11.44
CA PRO A 70 -4.42 12.44 -12.39
C PRO A 70 -3.99 13.74 -11.69
N LEU A 71 -4.56 14.01 -10.50
CA LEU A 71 -4.25 15.20 -9.72
C LEU A 71 -2.82 15.13 -9.17
N MET A 72 -2.43 13.94 -8.70
CA MET A 72 -1.07 13.72 -8.20
C MET A 72 -0.01 13.98 -9.27
N LYS A 73 -0.29 13.51 -10.48
CA LYS A 73 0.63 13.72 -11.61
C LYS A 73 0.78 15.21 -11.86
N LEU A 74 -0.34 15.94 -11.91
CA LEU A 74 -0.28 17.37 -12.16
C LEU A 74 0.41 18.18 -11.10
N GLY A 75 0.27 17.76 -9.84
CA GLY A 75 0.85 18.48 -8.72
C GLY A 75 2.19 17.94 -8.28
N THR A 76 2.81 17.13 -9.15
CA THR A 76 4.18 16.61 -8.99
C THR A 76 5.08 17.78 -8.63
N GLN A 77 5.84 17.64 -7.54
CA GLN A 77 6.67 18.75 -7.10
C GLN A 77 7.83 18.28 -6.23
N THR A 78 9.02 18.79 -6.52
CA THR A 78 10.23 18.54 -5.72
C THR A 78 10.13 19.29 -4.39
N VAL A 79 10.50 18.63 -3.31
CA VAL A 79 10.50 19.23 -1.97
C VAL A 79 11.94 19.02 -1.44
N PRO A 80 12.57 20.04 -0.83
CA PRO A 80 13.87 19.79 -0.19
C PRO A 80 13.74 18.67 0.84
N CYS A 81 14.29 17.51 0.50
CA CYS A 81 13.96 16.25 1.23
C CYS A 81 14.41 16.24 2.68
N ASN A 82 15.44 17.03 2.99
CA ASN A 82 16.05 17.01 4.30
C ASN A 82 15.45 18.11 5.19
N LYS A 83 14.44 18.81 4.72
CA LYS A 83 13.85 19.90 5.50
C LYS A 83 12.35 19.73 5.77
N ILE A 84 11.90 18.49 5.91
CA ILE A 84 10.46 18.19 6.00
C ILE A 84 10.06 18.27 7.45
N LEU A 85 8.92 18.92 7.64
CA LEU A 85 8.30 19.03 9.01
C LEU A 85 6.92 18.42 8.93
N LEU A 86 6.74 17.35 9.72
CA LEU A 86 5.47 16.69 9.84
C LEU A 86 4.80 17.23 11.12
N TRP A 87 3.52 16.98 11.29
CA TRP A 87 2.87 17.50 12.54
C TRP A 87 1.65 16.65 12.86
N SER A 88 1.15 16.76 14.08
CA SER A 88 -0.08 16.09 14.38
C SER A 88 -0.81 16.98 15.41
N ARG A 89 -2.02 17.45 15.08
CA ARG A 89 -2.85 18.20 16.07
C ARG A 89 -2.23 19.52 16.51
N ILE A 90 -1.27 20.01 15.76
CA ILE A 90 -0.58 21.24 16.11
C ILE A 90 -0.21 22.05 14.83
N LYS A 91 -1.12 22.08 13.85
CA LYS A 91 -0.74 22.64 12.54
C LYS A 91 -0.46 24.15 12.56
N ASP A 92 -1.16 24.91 13.39
CA ASP A 92 -0.94 26.36 13.42
C ASP A 92 0.51 26.73 13.81
N LEU A 93 1.06 26.08 14.82
CA LEU A 93 2.44 26.37 15.23
C LEU A 93 3.41 25.90 14.15
N ALA A 94 3.13 24.74 13.54
CA ALA A 94 3.99 24.21 12.47
C ALA A 94 4.05 25.25 11.36
N HIS A 95 2.91 25.81 11.00
CA HIS A 95 2.87 26.79 9.92
C HIS A 95 3.51 28.12 10.32
N GLN A 96 3.25 28.59 11.55
CA GLN A 96 3.86 29.82 11.98
C GLN A 96 5.35 29.70 11.99
N PHE A 97 5.86 28.54 12.42
CA PHE A 97 7.31 28.27 12.43
C PHE A 97 7.91 28.32 10.99
N THR A 98 7.32 27.57 10.05
CA THR A 98 7.93 27.53 8.71
C THR A 98 7.82 28.88 8.02
N GLN A 99 6.83 29.69 8.40
CA GLN A 99 6.67 31.00 7.78
C GLN A 99 7.75 32.04 8.12
N VAL A 100 8.51 31.82 9.19
CA VAL A 100 9.47 32.82 9.62
C VAL A 100 10.59 33.03 8.58
N GLN A 101 11.20 31.92 8.19
CA GLN A 101 12.36 31.98 7.28
C GLN A 101 12.52 30.70 6.51
N ARG A 102 11.43 29.93 6.43
CA ARG A 102 11.36 28.74 5.60
C ARG A 102 12.43 27.73 6.00
N ASP A 103 12.59 27.52 7.31
CA ASP A 103 13.61 26.63 7.84
C ASP A 103 13.23 25.19 7.51
N MET A 104 11.92 24.93 7.47
CA MET A 104 11.37 23.64 7.07
C MET A 104 10.14 23.82 6.15
N PHE A 105 9.62 22.70 5.64
CA PHE A 105 8.49 22.64 4.72
C PHE A 105 7.49 21.63 5.25
N THR A 106 6.23 22.03 5.36
CA THR A 106 5.16 21.08 5.72
C THR A 106 4.38 20.69 4.48
N LEU A 107 3.44 19.75 4.63
CA LEU A 107 2.68 19.31 3.44
C LEU A 107 1.90 20.48 2.83
N GLU A 108 1.50 21.42 3.69
CA GLU A 108 0.71 22.58 3.24
C GLU A 108 1.56 23.66 2.52
N ASP A 109 2.88 23.46 2.50
CA ASP A 109 3.79 24.26 1.68
C ASP A 109 3.89 23.74 0.26
N THR A 110 3.31 22.57 -0.02
CA THR A 110 3.28 21.99 -1.39
C THR A 110 2.01 22.47 -2.09
N LEU A 111 1.96 22.42 -3.42
CA LEU A 111 0.77 22.85 -4.13
C LEU A 111 -0.46 22.10 -3.66
N LEU A 112 -0.36 20.79 -3.56
CA LEU A 112 -1.58 20.02 -3.26
C LEU A 112 -2.07 20.24 -1.86
N GLY A 113 -1.15 20.30 -0.90
CA GLY A 113 -1.53 20.52 0.51
C GLY A 113 -2.14 21.92 0.67
N TYR A 114 -1.55 22.90 -0.02
CA TYR A 114 -2.06 24.26 -0.03
C TYR A 114 -3.50 24.35 -0.61
N LEU A 115 -3.75 23.64 -1.70
CA LEU A 115 -5.07 23.65 -2.35
C LEU A 115 -6.15 23.19 -1.43
N ALA A 116 -5.87 22.13 -0.68
CA ALA A 116 -6.93 21.46 0.08
C ALA A 116 -7.01 21.80 1.60
N ASP A 117 -6.01 22.49 2.13
CA ASP A 117 -5.95 22.75 3.57
C ASP A 117 -7.26 23.39 4.07
N ASP A 118 -7.84 22.85 5.13
CA ASP A 118 -9.07 23.35 5.75
C ASP A 118 -10.37 23.23 4.91
N LEU A 119 -10.30 22.53 3.78
CA LEU A 119 -11.47 22.41 2.90
C LEU A 119 -12.08 21.02 3.03
N THR A 120 -13.39 20.95 2.76
CA THR A 120 -14.19 19.73 2.72
C THR A 120 -14.83 19.65 1.33
N TRP A 121 -14.96 18.45 0.78
CA TRP A 121 -15.62 18.30 -0.53
C TRP A 121 -16.14 16.86 -0.68
N CYS A 122 -17.24 16.72 -1.40
CA CYS A 122 -17.72 15.42 -1.81
C CYS A 122 -18.72 15.61 -2.95
N GLY A 123 -18.93 14.53 -3.69
CA GLY A 123 -19.95 14.50 -4.75
C GLY A 123 -21.03 13.48 -4.45
N GLU A 124 -21.68 13.03 -5.51
CA GLU A 124 -22.84 12.14 -5.42
C GLU A 124 -22.73 11.08 -6.47
N PHE A 125 -23.15 9.86 -6.14
CA PHE A 125 -23.05 8.81 -7.12
C PHE A 125 -23.96 9.17 -8.27
N ASP A 126 -23.45 9.10 -9.50
CA ASP A 126 -24.31 9.23 -10.68
C ASP A 126 -25.09 10.55 -10.85
N THR A 127 -24.66 11.61 -10.16
CA THR A 127 -24.91 12.99 -10.61
C THR A 127 -23.58 13.68 -10.67
N SER A 128 -23.50 14.80 -11.40
CA SER A 128 -22.25 15.53 -11.39
C SER A 128 -22.24 16.69 -10.38
N LYS A 129 -23.17 16.67 -9.43
CA LYS A 129 -23.29 17.77 -8.47
C LYS A 129 -22.32 17.65 -7.32
N ILE A 130 -21.78 18.79 -6.90
CA ILE A 130 -21.05 18.84 -5.63
C ILE A 130 -22.10 18.82 -4.52
N ASN A 131 -21.80 18.15 -3.41
CA ASN A 131 -22.75 18.09 -2.29
C ASN A 131 -22.35 19.12 -1.23
N TYR A 132 -23.10 20.21 -1.15
CA TYR A 132 -22.82 21.29 -0.20
C TYR A 132 -23.59 21.10 1.11
N GLN A 133 -24.39 20.04 1.18
CA GLN A 133 -25.23 19.83 2.34
C GLN A 133 -24.60 18.94 3.41
N SER A 134 -23.93 17.86 2.99
CA SER A 134 -23.20 16.98 3.91
C SER A 134 -22.20 16.14 3.16
N CYS A 135 -21.18 15.67 3.88
CA CYS A 135 -20.21 14.73 3.34
C CYS A 135 -19.94 13.67 4.39
N PRO A 136 -19.50 12.49 3.96
CA PRO A 136 -19.26 11.42 4.94
C PRO A 136 -18.33 11.82 6.09
N ASP A 137 -18.74 11.43 7.30
CA ASP A 137 -17.87 11.49 8.47
C ASP A 137 -16.98 10.25 8.47
N TRP A 138 -15.68 10.44 8.71
CA TRP A 138 -14.70 9.36 8.70
C TRP A 138 -15.10 8.22 9.68
N ARG A 139 -15.56 8.60 10.87
CA ARG A 139 -15.99 7.60 11.89
C ARG A 139 -17.37 6.99 11.61
N LYS A 140 -18.40 7.83 11.53
CA LYS A 140 -19.78 7.36 11.46
C LYS A 140 -20.18 6.71 10.15
N ASP A 141 -19.60 7.21 9.05
CA ASP A 141 -20.11 6.86 7.72
C ASP A 141 -19.15 5.97 6.95
N CYS A 142 -17.96 6.49 6.66
CA CYS A 142 -16.97 5.71 5.91
C CYS A 142 -15.63 6.41 5.85
N SER A 143 -14.58 5.61 5.90
CA SER A 143 -13.22 6.13 5.78
C SER A 143 -12.81 6.44 4.33
N ASN A 144 -13.43 5.77 3.34
CA ASN A 144 -13.02 5.92 1.94
C ASN A 144 -13.75 7.08 1.27
N ASN A 145 -13.72 8.24 1.93
CA ASN A 145 -14.42 9.43 1.45
C ASN A 145 -13.42 10.37 0.74
N PRO A 146 -13.90 11.31 -0.09
CA PRO A 146 -12.98 12.10 -0.90
C PRO A 146 -11.90 12.81 -0.08
N VAL A 147 -12.28 13.41 1.05
CA VAL A 147 -11.29 14.14 1.84
C VAL A 147 -10.28 13.20 2.51
N SER A 148 -10.75 12.15 3.18
CA SER A 148 -9.82 11.26 3.90
C SER A 148 -8.85 10.58 2.92
N VAL A 149 -9.39 10.19 1.77
CA VAL A 149 -8.58 9.49 0.79
C VAL A 149 -7.50 10.45 0.20
N PHE A 150 -7.88 11.70 -0.06
CA PHE A 150 -6.94 12.73 -0.53
C PHE A 150 -5.78 12.88 0.46
N TRP A 151 -6.09 13.05 1.73
CA TRP A 151 -5.00 13.30 2.67
C TRP A 151 -4.10 12.09 2.82
N LYS A 152 -4.68 10.90 2.76
CA LYS A 152 -3.88 9.71 2.93
C LYS A 152 -2.95 9.59 1.71
N THR A 153 -3.47 9.92 0.53
CA THR A 153 -2.72 9.81 -0.69
C THR A 153 -1.55 10.79 -0.73
N VAL A 154 -1.85 12.06 -0.50
CA VAL A 154 -0.83 13.11 -0.56
C VAL A 154 0.21 12.98 0.57
N SER A 155 -0.26 12.62 1.77
CA SER A 155 0.64 12.45 2.94
C SER A 155 1.65 11.32 2.71
N ARG A 156 1.17 10.21 2.16
CA ARG A 156 2.05 9.10 1.83
C ARG A 156 3.17 9.54 0.89
N ARG A 157 2.83 10.22 -0.20
CA ARG A 157 3.82 10.69 -1.11
C ARG A 157 4.83 11.67 -0.50
N PHE A 158 4.33 12.53 0.38
CA PHE A 158 5.17 13.53 1.05
C PHE A 158 6.17 12.80 1.96
N ALA A 159 5.64 11.84 2.73
CA ALA A 159 6.53 11.03 3.58
C ALA A 159 7.61 10.26 2.78
N GLU A 160 7.25 9.72 1.63
CA GLU A 160 8.19 8.97 0.77
C GLU A 160 9.31 9.86 0.22
N ALA A 161 9.06 11.15 0.19
CA ALA A 161 10.03 12.09 -0.37
C ALA A 161 11.09 12.51 0.64
N ALA A 162 10.85 12.26 1.95
CA ALA A 162 11.76 12.69 3.00
C ALA A 162 13.09 11.96 3.08
N CYS A 163 14.15 12.68 3.46
CA CYS A 163 15.44 12.06 3.68
C CYS A 163 16.11 12.70 4.90
N ASP A 164 17.25 12.13 5.29
CA ASP A 164 18.12 12.70 6.34
C ASP A 164 17.41 12.81 7.68
N VAL A 165 17.33 14.01 8.23
CA VAL A 165 16.63 14.21 9.52
C VAL A 165 15.23 14.77 9.19
N VAL A 166 14.19 14.05 9.62
CA VAL A 166 12.80 14.47 9.44
C VAL A 166 12.27 14.90 10.82
N HIS A 167 11.56 16.00 10.84
CA HIS A 167 11.09 16.57 12.13
C HIS A 167 9.57 16.39 12.21
N VAL A 168 9.04 16.21 13.44
CA VAL A 168 7.58 16.18 13.63
C VAL A 168 7.24 16.97 14.91
N MET A 169 6.31 17.89 14.76
CA MET A 169 5.71 18.61 15.92
C MET A 169 4.50 17.85 16.43
N LEU A 170 4.48 17.58 17.73
CA LEU A 170 3.38 16.83 18.35
C LEU A 170 2.77 17.67 19.44
N ASP A 171 1.46 17.54 19.59
CA ASP A 171 0.73 18.27 20.66
C ASP A 171 0.82 17.59 22.04
N GLY A 172 1.64 18.16 22.92
CA GLY A 172 1.87 17.60 24.25
C GLY A 172 0.75 17.89 25.21
N SER A 173 -0.31 18.56 24.75
CA SER A 173 -1.45 18.77 25.65
C SER A 173 -2.57 17.72 25.39
N ARG A 174 -2.33 16.81 24.45
CA ARG A 174 -3.28 15.76 24.14
C ARG A 174 -3.04 14.56 25.04
N SER A 175 -4.08 13.78 25.30
CA SER A 175 -3.93 12.55 26.07
C SER A 175 -3.12 11.48 25.37
N LYS A 176 -3.14 11.52 24.02
CA LYS A 176 -2.29 10.74 23.12
C LYS A 176 -1.39 11.67 22.33
N ILE A 177 -0.22 11.98 22.89
CA ILE A 177 0.75 12.88 22.22
C ILE A 177 1.16 12.30 20.85
N PHE A 178 1.46 11.01 20.84
CA PHE A 178 1.54 10.28 19.57
C PHE A 178 0.29 9.43 19.43
N ASP A 179 -0.42 9.61 18.32
CA ASP A 179 -1.69 8.94 18.09
C ASP A 179 -1.57 8.08 16.86
N LYS A 180 -1.64 6.77 17.06
CA LYS A 180 -1.44 5.81 15.95
C LYS A 180 -2.52 5.93 14.90
N ASP A 181 -3.65 6.51 15.30
CA ASP A 181 -4.76 6.76 14.38
C ASP A 181 -4.69 8.02 13.53
N SER A 182 -3.75 8.93 13.81
CA SER A 182 -3.62 10.18 13.07
C SER A 182 -3.02 9.92 11.70
N THR A 183 -3.02 10.92 10.82
CA THR A 183 -2.36 10.75 9.51
C THR A 183 -0.88 10.53 9.75
N PHE A 184 -0.34 11.27 10.72
CA PHE A 184 1.07 11.08 10.99
C PHE A 184 1.35 9.63 11.40
N GLY A 185 0.59 9.12 12.37
CA GLY A 185 0.86 7.84 12.97
C GLY A 185 0.46 6.65 12.11
N SER A 186 -0.57 6.81 11.27
CA SER A 186 -1.11 5.65 10.55
C SER A 186 -0.54 5.58 9.12
N VAL A 187 -0.08 6.72 8.60
CA VAL A 187 0.44 6.81 7.25
C VAL A 187 1.92 7.29 7.18
N GLU A 188 2.19 8.49 7.69
CA GLU A 188 3.54 9.05 7.48
C GLU A 188 4.65 8.25 8.14
N VAL A 189 4.46 7.80 9.38
CA VAL A 189 5.53 6.99 10.04
C VAL A 189 5.89 5.75 9.24
N HIS A 190 4.91 5.17 8.56
CA HIS A 190 5.09 3.87 7.93
C HIS A 190 5.53 4.04 6.47
N ASN A 191 5.61 5.31 6.03
CA ASN A 191 6.06 5.58 4.64
C ASN A 191 7.35 6.37 4.49
N LEU A 192 7.96 6.76 5.60
CA LEU A 192 9.35 7.24 5.60
C LEU A 192 10.22 6.09 5.08
N GLN A 193 11.19 6.39 4.24
CA GLN A 193 12.00 5.32 3.63
C GLN A 193 13.28 5.12 4.41
N PRO A 194 13.42 3.97 5.08
CA PRO A 194 14.60 3.78 5.94
C PRO A 194 15.91 3.86 5.20
N GLU A 195 15.91 3.60 3.89
CA GLU A 195 17.12 3.77 3.10
C GLU A 195 17.64 5.19 3.05
N LYS A 196 16.73 6.17 3.18
CA LYS A 196 16.98 7.62 2.97
C LYS A 196 16.96 8.40 4.28
N VAL A 197 16.08 7.98 5.18
CA VAL A 197 15.83 8.72 6.42
C VAL A 197 16.71 8.21 7.55
N GLN A 198 17.50 9.12 8.12
CA GLN A 198 18.45 8.79 9.16
C GLN A 198 17.72 8.84 10.51
N THR A 199 16.97 9.90 10.72
CA THR A 199 16.44 10.20 12.06
C THR A 199 15.07 10.80 11.91
N LEU A 200 14.17 10.40 12.81
CA LEU A 200 12.98 11.18 13.10
C LEU A 200 13.12 11.87 14.43
N GLU A 201 13.04 13.20 14.38
CA GLU A 201 13.14 14.02 15.61
C GLU A 201 11.79 14.64 15.94
N ALA A 202 11.25 14.29 17.14
CA ALA A 202 9.94 14.81 17.52
C ALA A 202 10.16 15.98 18.42
N TRP A 203 9.37 17.03 18.20
CA TRP A 203 9.32 18.17 19.09
C TRP A 203 7.97 18.13 19.76
N VAL A 204 7.98 17.88 21.06
CA VAL A 204 6.75 17.77 21.81
C VAL A 204 6.38 19.13 22.38
N ILE A 205 5.28 19.70 21.89
CA ILE A 205 4.93 21.09 22.16
C ILE A 205 4.09 21.10 23.43
N HIS A 206 4.58 21.78 24.44
CA HIS A 206 3.80 21.86 25.68
C HIS A 206 2.59 22.80 25.57
N GLY A 207 1.54 22.52 26.34
CA GLY A 207 0.36 23.40 26.41
C GLY A 207 0.28 23.97 27.80
N GLY A 208 1.24 23.56 28.62
CA GLY A 208 1.18 23.74 30.04
C GLY A 208 1.33 25.17 30.48
N ARG A 209 1.23 25.34 31.78
CA ARG A 209 1.57 26.58 32.44
C ARG A 209 2.90 26.32 33.13
N GLU A 210 3.98 26.44 32.36
CA GLU A 210 5.38 26.45 32.87
C GLU A 210 6.08 25.08 33.06
N ASP A 211 6.39 24.76 34.33
CA ASP A 211 7.42 23.78 34.75
C ASP A 211 7.04 22.30 34.64
N SER A 212 6.64 21.91 33.45
CA SER A 212 5.96 20.65 33.21
C SER A 212 6.93 19.46 33.14
N ARG A 213 6.34 18.29 32.94
CA ARG A 213 7.00 17.00 32.81
C ARG A 213 7.94 16.95 31.61
N ASP A 214 8.87 16.00 31.65
CA ASP A 214 9.61 15.63 30.44
C ASP A 214 8.68 14.70 29.66
N LEU A 215 8.02 15.25 28.64
CA LEU A 215 7.01 14.51 27.86
C LEU A 215 7.63 13.59 26.81
N CYS A 216 8.94 13.68 26.64
CA CYS A 216 9.67 12.71 25.84
C CYS A 216 9.65 11.33 26.50
N GLN A 217 9.24 11.25 27.78
CA GLN A 217 9.05 9.97 28.48
C GLN A 217 7.62 9.45 28.47
N ASP A 218 6.75 10.16 27.77
CA ASP A 218 5.36 9.77 27.70
C ASP A 218 5.21 8.38 27.05
N PRO A 219 4.36 7.52 27.63
CA PRO A 219 4.24 6.18 27.03
C PRO A 219 3.98 6.17 25.55
N THR A 220 3.19 7.14 25.06
CA THR A 220 2.93 7.15 23.61
C THR A 220 4.17 7.55 22.79
N ILE A 221 5.06 8.34 23.39
CA ILE A 221 6.34 8.69 22.75
C ILE A 221 7.28 7.49 22.73
N LYS A 222 7.23 6.70 23.79
CA LYS A 222 8.03 5.50 23.80
C LYS A 222 7.54 4.54 22.72
N GLU A 223 6.25 4.57 22.46
CA GLU A 223 5.65 3.72 21.45
C GLU A 223 6.20 4.16 20.09
N LEU A 224 6.14 5.45 19.85
CA LEU A 224 6.66 6.00 18.56
C LEU A 224 8.14 5.68 18.42
N GLU A 225 8.91 5.81 19.52
CA GLU A 225 10.31 5.46 19.46
C GLU A 225 10.52 4.01 19.06
N SER A 226 9.74 3.11 19.65
CA SER A 226 9.86 1.68 19.37
C SER A 226 9.54 1.43 17.90
N ILE A 227 8.43 2.00 17.45
CA ILE A 227 8.02 1.78 16.04
C ILE A 227 9.13 2.25 15.11
N ILE A 228 9.61 3.46 15.36
CA ILE A 228 10.53 3.98 14.39
C ILE A 228 11.89 3.29 14.45
N SER A 229 12.33 2.91 15.67
CA SER A 229 13.61 2.22 15.84
C SER A 229 13.56 0.87 15.12
N LYS A 230 12.40 0.23 15.20
CA LYS A 230 12.25 -1.08 14.58
C LYS A 230 12.19 -0.97 13.05
N ARG A 231 12.07 0.24 12.52
CA ARG A 231 12.11 0.43 11.05
C ARG A 231 13.55 0.71 10.60
N ASN A 232 14.49 0.70 11.55
CA ASN A 232 15.91 1.04 11.31
C ASN A 232 16.14 2.52 11.04
N ILE A 233 15.33 3.35 11.72
CA ILE A 233 15.50 4.80 11.72
C ILE A 233 15.76 5.26 13.17
N GLN A 234 16.66 6.21 13.39
CA GLN A 234 16.96 6.69 14.75
C GLN A 234 15.85 7.61 15.20
N PHE A 235 15.61 7.64 16.50
CA PHE A 235 14.58 8.50 17.04
C PHE A 235 15.18 9.44 18.05
N SER A 236 14.80 10.70 17.93
CA SER A 236 15.21 11.76 18.84
C SER A 236 13.96 12.50 19.30
N CYS A 237 13.97 12.99 20.53
CA CYS A 237 12.85 13.77 20.98
C CYS A 237 13.34 14.94 21.80
N LYS A 238 12.65 16.07 21.65
CA LYS A 238 12.89 17.28 22.44
C LYS A 238 11.60 17.86 22.96
N ASN A 239 11.60 18.42 24.19
CA ASN A 239 10.46 19.18 24.69
C ASN A 239 10.58 20.59 24.18
N ILE A 240 9.47 21.19 23.75
CA ILE A 240 9.37 22.64 23.62
C ILE A 240 8.44 23.13 24.72
N TYR A 241 9.04 23.61 25.79
CA TYR A 241 8.25 23.98 26.96
C TYR A 241 7.37 25.23 26.76
N ARG A 242 7.89 26.21 26.04
CA ARG A 242 7.17 27.45 25.80
C ARG A 242 7.19 27.79 24.32
N PRO A 243 6.16 27.37 23.58
CA PRO A 243 6.15 27.57 22.12
C PRO A 243 6.14 29.06 21.76
N ASP A 244 5.60 29.92 22.63
CA ASP A 244 5.72 31.35 22.38
C ASP A 244 7.19 31.82 22.41
N LYS A 245 7.99 31.37 23.37
CA LYS A 245 9.41 31.73 23.37
C LYS A 245 10.12 31.07 22.17
N PHE A 246 9.77 29.82 21.89
CA PHE A 246 10.37 29.15 20.75
C PHE A 246 10.22 30.02 19.51
N LEU A 247 9.01 30.46 19.22
CA LEU A 247 8.76 31.24 18.00
C LEU A 247 9.52 32.54 18.02
N GLN A 248 9.61 33.17 19.19
CA GLN A 248 10.37 34.39 19.29
C GLN A 248 11.85 34.17 18.99
N CYS A 249 12.36 33.05 19.49
CA CYS A 249 13.76 32.74 19.30
C CYS A 249 14.04 32.43 17.84
N VAL A 250 13.04 31.91 17.14
CA VAL A 250 13.18 31.60 15.72
C VAL A 250 13.28 32.94 14.94
N LYS A 251 12.48 33.94 15.33
CA LYS A 251 12.48 35.22 14.62
C LYS A 251 13.71 36.05 15.00
N ASN A 252 14.17 35.90 16.23
CA ASN A 252 15.19 36.77 16.83
C ASN A 252 16.12 35.97 17.73
N PRO A 253 17.03 35.16 17.13
CA PRO A 253 17.82 34.21 17.90
C PRO A 253 18.97 34.82 18.69
N GLU A 254 19.51 33.99 19.58
CA GLU A 254 20.81 34.17 20.24
C GLU A 254 21.09 35.49 21.00
N ASP A 255 20.46 36.59 20.63
CA ASP A 255 20.75 37.86 21.33
C ASP A 255 20.01 37.99 22.65
N SER A 256 18.82 37.41 22.72
CA SER A 256 18.09 37.43 23.98
C SER A 256 17.96 36.01 24.47
N SER A 257 17.80 35.89 25.79
CA SER A 257 17.33 34.70 26.52
C SER A 257 16.98 33.41 25.77
N CYS A 258 17.46 33.06 24.69
CA CYS A 258 17.23 31.88 23.88
C CYS A 258 18.37 30.89 24.03
N ARG B 7 -11.97 -5.92 24.89
CA ARG B 7 -12.29 -4.62 24.25
C ARG B 7 -13.06 -4.73 22.92
N TRP B 8 -13.68 -3.62 22.56
CA TRP B 8 -14.66 -3.56 21.46
C TRP B 8 -14.07 -3.06 20.12
N ARG B 9 -12.79 -2.66 20.11
CA ARG B 9 -12.14 -2.17 18.89
C ARG B 9 -11.20 -3.21 18.28
N GLN B 10 -11.07 -3.20 16.97
CA GLN B 10 -10.01 -3.98 16.35
C GLN B 10 -9.03 -3.02 15.72
N THR B 11 -7.79 -3.44 15.62
CA THR B 11 -6.72 -2.56 15.13
C THR B 11 -6.84 -2.31 13.66
N TRP B 12 -7.20 -3.35 12.90
CA TRP B 12 -7.12 -3.30 11.43
C TRP B 12 -8.43 -3.58 10.75
N SER B 13 -8.47 -3.32 9.42
CA SER B 13 -9.72 -3.48 8.62
C SER B 13 -9.92 -4.87 8.01
N GLY B 14 -8.83 -5.61 7.85
CA GLY B 14 -8.86 -6.90 7.17
C GLY B 14 -9.03 -8.07 8.13
N PRO B 15 -9.32 -9.28 7.58
CA PRO B 15 -9.42 -10.47 8.42
C PRO B 15 -8.16 -10.70 9.24
N GLY B 16 -8.34 -11.30 10.40
CA GLY B 16 -7.21 -11.60 11.25
C GLY B 16 -6.50 -12.89 10.84
N THR B 17 -5.52 -13.28 11.65
CA THR B 17 -4.75 -14.50 11.34
C THR B 17 -5.71 -15.71 11.33
N THR B 18 -5.54 -16.57 10.32
CA THR B 18 -6.31 -17.80 10.25
C THR B 18 -6.22 -18.64 11.49
N LYS B 19 -7.38 -19.13 11.93
CA LYS B 19 -7.47 -20.04 13.10
C LYS B 19 -6.36 -21.12 13.06
N ARG B 20 -5.67 -21.31 14.18
CA ARG B 20 -4.63 -22.35 14.32
C ARG B 20 -3.53 -22.28 13.21
N PHE B 21 -3.17 -21.06 12.86
CA PHE B 21 -2.11 -20.75 11.89
C PHE B 21 -0.78 -21.54 12.17
N PRO B 22 -0.22 -21.52 13.41
CA PRO B 22 1.05 -22.22 13.62
C PRO B 22 0.93 -23.72 13.32
N GLU B 23 -0.10 -24.33 13.88
CA GLU B 23 -0.37 -25.74 13.66
C GLU B 23 -0.54 -26.08 12.20
N THR B 24 -1.28 -25.20 11.55
CA THR B 24 -1.61 -25.38 10.13
C THR B 24 -0.36 -25.31 9.26
N VAL B 25 0.49 -24.30 9.48
CA VAL B 25 1.73 -24.15 8.70
C VAL B 25 2.63 -25.37 8.94
N LEU B 26 2.80 -25.73 10.20
CA LEU B 26 3.61 -26.94 10.48
C LEU B 26 3.06 -28.20 9.80
N ALA B 27 1.74 -28.41 9.86
CA ALA B 27 1.13 -29.62 9.34
C ALA B 27 1.23 -29.62 7.81
N ARG B 28 1.16 -28.42 7.24
CA ARG B 28 1.36 -28.29 5.79
C ARG B 28 2.77 -28.61 5.39
N CYS B 29 3.74 -28.12 6.16
CA CYS B 29 5.13 -28.43 5.87
C CYS B 29 5.38 -29.95 5.90
N VAL B 30 4.92 -30.60 6.95
CA VAL B 30 5.03 -32.06 7.08
C VAL B 30 4.39 -32.77 5.89
N LYS B 31 3.16 -32.39 5.57
CA LYS B 31 2.44 -33.01 4.44
C LYS B 31 3.16 -32.80 3.12
N TYR B 32 3.64 -31.59 2.87
CA TYR B 32 4.33 -31.28 1.62
C TYR B 32 5.57 -32.18 1.46
N THR B 33 6.32 -32.36 2.53
CA THR B 33 7.56 -33.12 2.40
C THR B 33 7.27 -34.61 2.24
N GLU B 34 6.17 -35.05 2.81
CA GLU B 34 5.72 -36.44 2.65
C GLU B 34 5.40 -36.74 1.20
N ILE B 35 4.73 -35.78 0.58
CA ILE B 35 4.32 -35.88 -0.80
C ILE B 35 5.48 -35.66 -1.74
N HIS B 36 6.32 -34.67 -1.45
CA HIS B 36 7.44 -34.32 -2.33
C HIS B 36 8.78 -34.68 -1.69
N PRO B 37 9.23 -35.93 -1.87
CA PRO B 37 10.43 -36.42 -1.21
C PRO B 37 11.68 -35.61 -1.47
N GLU B 38 11.70 -34.83 -2.55
CA GLU B 38 12.88 -34.01 -2.84
C GLU B 38 13.02 -32.84 -1.87
N MET B 39 11.98 -32.58 -1.08
CA MET B 39 12.06 -31.49 -0.09
C MET B 39 12.17 -31.97 1.35
N ARG B 40 12.46 -33.26 1.53
CA ARG B 40 12.55 -33.85 2.88
C ARG B 40 13.80 -33.44 3.67
N HIS B 41 14.74 -32.77 3.00
CA HIS B 41 15.90 -32.18 3.66
C HIS B 41 15.55 -31.00 4.54
N VAL B 42 14.33 -30.52 4.39
CA VAL B 42 13.80 -29.38 5.13
C VAL B 42 13.49 -29.79 6.58
N ASP B 43 13.77 -28.94 7.56
CA ASP B 43 13.35 -29.17 8.94
C ASP B 43 12.10 -28.32 9.14
N CYS B 44 10.94 -28.96 9.29
CA CYS B 44 9.70 -28.18 9.32
C CYS B 44 9.59 -27.23 10.49
N GLN B 45 10.14 -27.63 11.64
CA GLN B 45 10.17 -26.71 12.81
C GLN B 45 11.01 -25.47 12.51
N SER B 46 12.13 -25.65 11.80
CA SER B 46 13.02 -24.54 11.45
C SER B 46 12.32 -23.65 10.46
N VAL B 47 11.61 -24.26 9.52
CA VAL B 47 10.80 -23.50 8.58
C VAL B 47 9.76 -22.63 9.29
N TRP B 48 9.01 -23.24 10.21
CA TRP B 48 8.03 -22.45 10.98
C TRP B 48 8.71 -21.33 11.77
N ASP B 49 9.84 -21.62 12.41
CA ASP B 49 10.56 -20.60 13.21
C ASP B 49 10.98 -19.42 12.32
N ALA B 50 11.41 -19.72 11.10
CA ALA B 50 11.83 -18.65 10.18
C ALA B 50 10.66 -17.83 9.66
N PHE B 51 9.53 -18.49 9.44
CA PHE B 51 8.30 -17.84 8.99
C PHE B 51 7.79 -16.88 10.09
N LYS B 52 7.62 -17.45 11.29
CA LYS B 52 7.19 -16.65 12.45
C LYS B 52 8.14 -15.44 12.68
N GLY B 53 9.44 -15.68 12.57
CA GLY B 53 10.48 -14.65 12.69
C GLY B 53 10.34 -13.47 11.75
N ALA B 54 9.80 -13.71 10.56
CA ALA B 54 9.54 -12.63 9.61
C ALA B 54 8.58 -11.56 10.10
N PHE B 55 7.64 -11.95 10.97
CA PHE B 55 6.56 -11.00 11.31
C PHE B 55 6.23 -10.85 12.79
N ILE B 56 6.61 -11.83 13.62
CA ILE B 56 6.25 -11.70 15.02
C ILE B 56 7.01 -10.52 15.62
N SER B 57 6.36 -9.76 16.50
CA SER B 57 7.02 -8.60 17.15
C SER B 57 7.43 -7.52 16.15
N LYS B 58 6.75 -7.46 15.01
CA LYS B 58 7.02 -6.37 14.08
C LYS B 58 5.70 -5.69 13.82
N HIS B 59 5.78 -4.39 13.58
CA HIS B 59 4.59 -3.66 13.21
C HIS B 59 4.10 -4.13 11.86
N PRO B 60 2.83 -4.55 11.75
CA PRO B 60 2.39 -5.17 10.50
C PRO B 60 2.22 -4.25 9.32
N CYS B 61 2.62 -2.98 9.46
CA CYS B 61 2.73 -2.08 8.32
C CYS B 61 4.19 -1.87 7.86
N ASP B 62 5.14 -2.54 8.55
CA ASP B 62 6.55 -2.20 8.45
C ASP B 62 7.37 -3.39 8.00
N ILE B 63 6.71 -4.34 7.37
CA ILE B 63 7.37 -5.62 6.94
C ILE B 63 8.15 -5.37 5.66
N THR B 64 9.32 -6.03 5.55
CA THR B 64 10.22 -5.83 4.38
C THR B 64 10.50 -7.17 3.75
N GLU B 65 10.91 -7.14 2.50
CA GLU B 65 11.35 -8.41 1.88
C GLU B 65 12.50 -9.08 2.66
N GLU B 66 13.41 -8.27 3.20
CA GLU B 66 14.49 -8.78 4.02
C GLU B 66 14.00 -9.56 5.25
N ASP B 67 12.84 -9.18 5.79
CA ASP B 67 12.25 -9.95 6.91
C ASP B 67 12.00 -11.41 6.55
N TYR B 68 11.77 -11.67 5.25
CA TYR B 68 11.41 -13.05 4.83
C TYR B 68 12.62 -13.79 4.26
N GLN B 69 13.77 -13.13 4.23
CA GLN B 69 14.98 -13.79 3.70
C GLN B 69 15.33 -15.15 4.35
N PRO B 70 15.32 -15.23 5.69
CA PRO B 70 15.60 -16.52 6.34
C PRO B 70 14.64 -17.63 5.88
N LEU B 71 13.34 -17.33 5.86
CA LEU B 71 12.38 -18.27 5.31
C LEU B 71 12.69 -18.66 3.83
N MET B 72 12.98 -17.66 3.00
CA MET B 72 13.27 -17.91 1.58
C MET B 72 14.47 -18.85 1.44
N LYS B 73 15.51 -18.62 2.23
CA LYS B 73 16.69 -19.49 2.22
C LYS B 73 16.35 -20.93 2.62
N LEU B 74 15.62 -21.12 3.72
CA LEU B 74 15.23 -22.50 4.10
C LEU B 74 14.29 -23.18 3.10
N GLY B 75 13.42 -22.39 2.47
CA GLY B 75 12.45 -22.92 1.50
C GLY B 75 12.97 -22.98 0.07
N THR B 76 14.26 -22.74 -0.15
CA THR B 76 14.92 -22.85 -1.46
C THR B 76 14.50 -24.14 -2.17
N GLN B 77 13.99 -23.98 -3.39
CA GLN B 77 13.48 -25.09 -4.18
C GLN B 77 13.59 -24.73 -5.64
N THR B 78 14.19 -25.63 -6.38
CA THR B 78 14.29 -25.50 -7.81
C THR B 78 13.27 -26.43 -8.42
N VAL B 79 12.32 -25.85 -9.16
CA VAL B 79 11.41 -26.61 -9.98
C VAL B 79 11.92 -26.42 -11.41
N PRO B 80 11.60 -27.36 -12.29
CA PRO B 80 12.05 -27.21 -13.67
C PRO B 80 11.60 -25.88 -14.24
N CYS B 81 12.54 -25.03 -14.69
CA CYS B 81 12.20 -23.63 -15.03
C CYS B 81 11.30 -23.44 -16.26
N ASN B 82 11.29 -24.44 -17.13
CA ASN B 82 10.51 -24.47 -18.39
C ASN B 82 9.09 -25.02 -18.18
N LYS B 83 8.72 -25.25 -16.92
CA LYS B 83 7.43 -25.88 -16.59
C LYS B 83 6.62 -25.07 -15.59
N ILE B 84 6.66 -23.76 -15.75
CA ILE B 84 6.03 -22.87 -14.76
C ILE B 84 4.70 -22.37 -15.28
N LEU B 85 3.68 -22.44 -14.42
CA LEU B 85 2.34 -21.97 -14.71
C LEU B 85 2.05 -20.83 -13.78
N LEU B 86 1.85 -19.66 -14.37
CA LEU B 86 1.44 -18.48 -13.60
C LEU B 86 -0.07 -18.35 -13.71
N TRP B 87 -0.72 -17.54 -12.86
CA TRP B 87 -2.16 -17.39 -12.99
C TRP B 87 -2.58 -16.04 -12.40
N SER B 88 -3.72 -15.54 -12.85
CA SER B 88 -4.30 -14.33 -12.26
C SER B 88 -5.80 -14.51 -12.13
N ARG B 89 -6.29 -14.46 -10.89
CA ARG B 89 -7.74 -14.55 -10.61
C ARG B 89 -8.38 -15.86 -11.05
N ILE B 90 -7.59 -16.93 -11.16
CA ILE B 90 -8.13 -18.23 -11.57
C ILE B 90 -7.31 -19.38 -10.98
N LYS B 91 -7.00 -19.19 -9.70
CA LYS B 91 -6.16 -20.11 -8.96
C LYS B 91 -6.73 -21.51 -8.97
N ASP B 92 -8.05 -21.65 -8.83
CA ASP B 92 -8.63 -22.99 -8.69
C ASP B 92 -8.42 -23.85 -9.92
N LEU B 93 -8.67 -23.30 -11.12
CA LEU B 93 -8.40 -24.08 -12.34
C LEU B 93 -6.90 -24.35 -12.54
N ALA B 94 -6.06 -23.37 -12.19
CA ALA B 94 -4.61 -23.53 -12.38
C ALA B 94 -4.15 -24.70 -11.54
N HIS B 95 -4.65 -24.80 -10.32
CA HIS B 95 -4.30 -25.91 -9.46
C HIS B 95 -4.86 -27.26 -9.89
N GLN B 96 -6.09 -27.30 -10.40
CA GLN B 96 -6.65 -28.56 -10.88
C GLN B 96 -5.78 -29.02 -12.05
N PHE B 97 -5.23 -28.07 -12.79
CA PHE B 97 -4.48 -28.44 -14.01
C PHE B 97 -3.19 -29.11 -13.58
N THR B 98 -2.41 -28.49 -12.68
CA THR B 98 -1.18 -29.09 -12.13
C THR B 98 -1.33 -30.34 -11.23
N GLN B 99 -2.54 -30.56 -10.75
CA GLN B 99 -2.83 -31.84 -10.12
C GLN B 99 -2.88 -32.97 -11.17
N VAL B 100 -3.32 -32.62 -12.38
CA VAL B 100 -3.43 -33.58 -13.48
C VAL B 100 -2.15 -33.62 -14.33
N GLN B 101 -1.70 -32.43 -14.75
CA GLN B 101 -0.49 -32.28 -15.53
C GLN B 101 0.67 -32.10 -14.55
N ARG B 102 1.08 -33.21 -13.96
CA ARG B 102 1.99 -33.20 -12.81
C ARG B 102 3.40 -32.81 -13.19
N ASP B 103 3.54 -32.38 -14.44
CA ASP B 103 4.82 -31.97 -14.98
C ASP B 103 5.04 -30.46 -14.77
N MET B 104 3.97 -29.79 -14.36
CA MET B 104 3.89 -28.35 -14.39
C MET B 104 3.69 -27.86 -12.96
N PHE B 105 4.18 -26.65 -12.70
CA PHE B 105 4.13 -26.11 -11.34
C PHE B 105 3.58 -24.71 -11.32
N THR B 106 2.66 -24.47 -10.38
CA THR B 106 2.30 -23.12 -10.00
C THR B 106 3.12 -22.78 -8.73
N LEU B 107 3.02 -21.54 -8.32
CA LEU B 107 3.73 -21.08 -7.10
C LEU B 107 3.30 -21.91 -5.87
N GLU B 108 2.03 -22.25 -5.83
CA GLU B 108 1.50 -23.03 -4.72
C GLU B 108 1.85 -24.51 -4.76
N ASP B 109 2.51 -24.97 -5.83
CA ASP B 109 3.06 -26.32 -5.86
C ASP B 109 4.48 -26.39 -5.28
N THR B 110 5.06 -25.24 -4.95
CA THR B 110 6.35 -25.14 -4.27
C THR B 110 6.09 -25.17 -2.75
N LEU B 111 7.09 -25.55 -1.96
CA LEU B 111 6.88 -25.62 -0.50
C LEU B 111 6.33 -24.30 0.02
N LEU B 112 6.99 -23.19 -0.28
CA LEU B 112 6.59 -21.93 0.33
C LEU B 112 5.17 -21.51 -0.06
N GLY B 113 4.82 -21.64 -1.33
CA GLY B 113 3.48 -21.24 -1.74
C GLY B 113 2.43 -22.16 -1.13
N TYR B 114 2.76 -23.44 -1.01
CA TYR B 114 1.85 -24.41 -0.43
C TYR B 114 1.58 -24.08 1.06
N LEU B 115 2.65 -23.69 1.77
CA LEU B 115 2.51 -23.34 3.20
C LEU B 115 1.50 -22.23 3.39
N ALA B 116 1.56 -21.21 2.54
CA ALA B 116 0.85 -19.95 2.79
C ALA B 116 -0.51 -19.81 2.09
N ASP B 117 -0.77 -20.65 1.08
CA ASP B 117 -1.98 -20.44 0.25
C ASP B 117 -3.26 -20.39 1.09
N ASP B 118 -4.07 -19.37 0.82
CA ASP B 118 -5.37 -19.16 1.44
C ASP B 118 -5.29 -18.80 2.92
N LEU B 119 -4.09 -18.50 3.45
CA LEU B 119 -3.98 -18.13 4.87
C LEU B 119 -3.75 -16.65 5.02
N THR B 120 -4.05 -16.14 6.21
CA THR B 120 -3.74 -14.76 6.57
C THR B 120 -2.97 -14.82 7.90
N TRP B 121 -2.05 -13.90 8.10
CA TRP B 121 -1.34 -13.82 9.44
C TRP B 121 -0.79 -12.42 9.65
N CYS B 122 -0.64 -12.05 10.92
CA CYS B 122 0.11 -10.84 11.25
C CYS B 122 0.40 -10.88 12.75
N GLY B 123 1.35 -10.03 13.17
CA GLY B 123 1.70 -9.96 14.58
C GLY B 123 1.47 -8.52 15.01
N GLU B 124 2.27 -8.09 15.97
CA GLU B 124 2.08 -6.81 16.73
C GLU B 124 3.47 -6.24 16.98
N PHE B 125 3.67 -4.91 17.02
CA PHE B 125 5.05 -4.44 17.20
C PHE B 125 5.41 -4.66 18.63
N ASP B 126 4.34 -4.83 19.38
CA ASP B 126 4.19 -4.60 20.77
C ASP B 126 4.69 -5.84 21.60
N THR B 127 4.63 -7.01 20.98
CA THR B 127 4.54 -8.27 21.72
C THR B 127 4.89 -9.43 20.81
N SER B 128 4.95 -10.65 21.35
CA SER B 128 5.23 -11.80 20.49
C SER B 128 3.95 -12.53 20.08
N LYS B 129 2.79 -11.91 20.30
CA LYS B 129 1.51 -12.56 20.01
C LYS B 129 1.15 -12.47 18.54
N ILE B 130 0.47 -13.51 18.08
CA ILE B 130 -0.13 -13.50 16.74
C ILE B 130 -1.47 -12.78 16.87
N ASN B 131 -1.83 -11.94 15.88
CA ASN B 131 -3.10 -11.21 15.96
C ASN B 131 -4.20 -12.00 15.28
N TYR B 132 -5.08 -12.60 16.09
CA TYR B 132 -6.13 -13.41 15.49
C TYR B 132 -7.45 -12.69 15.23
N GLN B 133 -7.50 -11.41 15.54
CA GLN B 133 -8.72 -10.63 15.37
C GLN B 133 -8.80 -9.83 14.10
N SER B 134 -7.70 -9.18 13.71
CA SER B 134 -7.66 -8.42 12.45
C SER B 134 -6.23 -8.23 12.02
N CYS B 135 -6.06 -8.06 10.70
CA CYS B 135 -4.76 -7.78 10.10
C CYS B 135 -4.95 -6.69 9.01
N PRO B 136 -3.88 -5.97 8.65
CA PRO B 136 -4.01 -4.83 7.69
C PRO B 136 -4.57 -5.26 6.35
N ASP B 137 -5.51 -4.49 5.85
CA ASP B 137 -6.03 -4.66 4.52
C ASP B 137 -5.08 -3.89 3.59
N TRP B 138 -4.68 -4.54 2.50
CA TRP B 138 -3.65 -3.99 1.61
C TRP B 138 -4.02 -2.62 1.06
N ARG B 139 -5.30 -2.39 0.80
CA ARG B 139 -5.74 -1.10 0.24
C ARG B 139 -6.12 -0.08 1.30
N LYS B 140 -6.91 -0.51 2.29
CA LYS B 140 -7.45 0.35 3.33
C LYS B 140 -6.46 0.74 4.42
N ASP B 141 -5.53 -0.16 4.75
CA ASP B 141 -4.59 0.06 5.86
C ASP B 141 -3.18 0.34 5.34
N CYS B 142 -2.46 -0.67 4.92
CA CYS B 142 -1.08 -0.47 4.48
C CYS B 142 -0.64 -1.62 3.59
N SER B 143 0.21 -1.32 2.62
CA SER B 143 0.58 -2.41 1.72
C SER B 143 1.74 -3.26 2.22
N ASN B 144 2.58 -2.74 3.15
CA ASN B 144 3.76 -3.52 3.56
C ASN B 144 3.42 -4.39 4.77
N ASN B 145 2.41 -5.22 4.58
CA ASN B 145 1.94 -6.12 5.63
C ASN B 145 2.46 -7.55 5.45
N PRO B 146 2.36 -8.39 6.51
CA PRO B 146 3.02 -9.67 6.44
C PRO B 146 2.58 -10.50 5.21
N VAL B 147 1.29 -10.50 4.92
CA VAL B 147 0.82 -11.39 3.84
C VAL B 147 1.22 -10.79 2.50
N SER B 148 1.00 -9.50 2.30
CA SER B 148 1.33 -8.88 0.97
C SER B 148 2.82 -8.97 0.64
N VAL B 149 3.67 -8.72 1.65
CA VAL B 149 5.10 -8.71 1.39
C VAL B 149 5.55 -10.13 1.12
N PHE B 150 4.95 -11.11 1.80
CA PHE B 150 5.32 -12.50 1.55
C PHE B 150 5.08 -12.82 0.09
N TRP B 151 3.88 -12.53 -0.36
CA TRP B 151 3.55 -12.95 -1.77
C TRP B 151 4.39 -12.20 -2.78
N LYS B 152 4.65 -10.91 -2.53
CA LYS B 152 5.51 -10.13 -3.47
C LYS B 152 6.92 -10.74 -3.53
N THR B 153 7.44 -11.17 -2.38
CA THR B 153 8.79 -11.71 -2.32
C THR B 153 8.89 -13.06 -2.99
N VAL B 154 7.96 -13.94 -2.70
CA VAL B 154 8.06 -15.33 -3.20
C VAL B 154 7.72 -15.35 -4.67
N SER B 155 6.75 -14.52 -5.07
CA SER B 155 6.40 -14.51 -6.52
C SER B 155 7.50 -13.88 -7.36
N ARG B 156 8.21 -12.87 -6.82
CA ARG B 156 9.36 -12.35 -7.55
C ARG B 156 10.41 -13.42 -7.81
N ARG B 157 10.78 -14.13 -6.75
CA ARG B 157 11.76 -15.20 -6.88
C ARG B 157 11.29 -16.26 -7.91
N PHE B 158 10.01 -16.62 -7.87
CA PHE B 158 9.45 -17.67 -8.73
C PHE B 158 9.53 -17.19 -10.17
N ALA B 159 9.14 -15.94 -10.41
CA ALA B 159 9.21 -15.40 -11.81
C ALA B 159 10.64 -15.34 -12.37
N GLU B 160 11.58 -14.90 -11.52
CA GLU B 160 13.00 -14.79 -11.87
C GLU B 160 13.64 -16.09 -12.28
N ALA B 161 13.08 -17.20 -11.81
CA ALA B 161 13.65 -18.52 -12.05
C ALA B 161 13.14 -19.13 -13.34
N ALA B 162 12.03 -18.59 -13.85
CA ALA B 162 11.34 -19.15 -15.02
C ALA B 162 12.16 -19.01 -16.27
N CYS B 163 11.99 -19.98 -17.15
CA CYS B 163 12.69 -19.97 -18.43
C CYS B 163 11.83 -20.50 -19.56
N ASP B 164 12.34 -20.33 -20.78
CA ASP B 164 11.75 -20.88 -22.02
C ASP B 164 10.32 -20.38 -22.25
N VAL B 165 9.32 -21.26 -22.16
CA VAL B 165 7.94 -20.82 -22.32
C VAL B 165 7.31 -20.87 -20.94
N VAL B 166 6.75 -19.74 -20.57
CA VAL B 166 6.08 -19.60 -19.27
C VAL B 166 4.64 -19.43 -19.68
N HIS B 167 3.75 -20.17 -19.03
CA HIS B 167 2.33 -20.05 -19.30
C HIS B 167 1.65 -19.31 -18.15
N VAL B 168 0.63 -18.52 -18.51
CA VAL B 168 -0.19 -17.82 -17.53
C VAL B 168 -1.65 -18.08 -17.83
N MET B 169 -2.38 -18.51 -16.80
CA MET B 169 -3.81 -18.72 -16.92
C MET B 169 -4.50 -17.45 -16.40
N LEU B 170 -5.47 -16.98 -17.18
CA LEU B 170 -6.16 -15.73 -16.94
C LEU B 170 -7.69 -15.93 -17.03
N ASP B 171 -8.44 -15.26 -16.16
CA ASP B 171 -9.89 -15.40 -16.16
C ASP B 171 -10.54 -14.47 -17.19
N GLY B 172 -11.06 -15.07 -18.26
CA GLY B 172 -11.59 -14.32 -19.38
C GLY B 172 -13.01 -13.83 -19.23
N SER B 173 -13.59 -14.00 -18.04
CA SER B 173 -14.87 -13.39 -17.74
C SER B 173 -14.74 -12.30 -16.66
N ARG B 174 -13.54 -11.73 -16.54
CA ARG B 174 -13.29 -10.64 -15.61
C ARG B 174 -13.56 -9.26 -16.24
N SER B 175 -13.38 -9.14 -17.55
CA SER B 175 -13.46 -7.83 -18.23
C SER B 175 -12.43 -6.86 -17.65
N LYS B 176 -11.56 -7.42 -16.82
CA LYS B 176 -10.27 -6.85 -16.49
C LYS B 176 -9.32 -8.06 -16.57
N ILE B 177 -9.32 -8.73 -17.74
CA ILE B 177 -8.69 -10.04 -17.88
C ILE B 177 -7.21 -10.02 -17.47
N PHE B 178 -6.47 -9.04 -17.98
CA PHE B 178 -5.17 -8.77 -17.42
C PHE B 178 -5.34 -7.52 -16.57
N ASP B 179 -4.80 -7.59 -15.36
CA ASP B 179 -4.93 -6.54 -14.37
C ASP B 179 -3.54 -6.17 -13.92
N LYS B 180 -3.17 -4.93 -14.22
CA LYS B 180 -1.83 -4.43 -13.99
C LYS B 180 -1.47 -4.45 -12.51
N ASP B 181 -2.49 -4.61 -11.68
CA ASP B 181 -2.36 -4.46 -10.23
C ASP B 181 -2.29 -5.78 -9.48
N SER B 182 -2.54 -6.90 -10.18
CA SER B 182 -2.44 -8.22 -9.59
C SER B 182 -0.98 -8.59 -9.31
N THR B 183 -0.75 -9.67 -8.55
CA THR B 183 0.61 -10.11 -8.27
C THR B 183 1.26 -10.51 -9.60
N PHE B 184 0.49 -11.12 -10.49
CA PHE B 184 0.99 -11.46 -11.81
C PHE B 184 1.40 -10.18 -12.55
N GLY B 185 0.51 -9.20 -12.62
CA GLY B 185 0.73 -7.99 -13.44
C GLY B 185 1.77 -7.00 -12.95
N SER B 186 2.01 -7.01 -11.64
CA SER B 186 2.85 -6.01 -10.97
C SER B 186 4.21 -6.51 -10.48
N VAL B 187 4.32 -7.81 -10.19
CA VAL B 187 5.60 -8.40 -9.83
C VAL B 187 6.05 -9.40 -10.88
N GLU B 188 5.20 -10.34 -11.24
CA GLU B 188 5.70 -11.46 -12.05
C GLU B 188 6.09 -11.10 -13.47
N VAL B 189 5.21 -10.42 -14.20
CA VAL B 189 5.47 -10.15 -15.61
C VAL B 189 6.78 -9.33 -15.70
N HIS B 190 7.01 -8.50 -14.69
CA HIS B 190 8.16 -7.60 -14.66
C HIS B 190 9.43 -8.26 -14.13
N ASN B 191 9.31 -9.51 -13.71
CA ASN B 191 10.51 -10.22 -13.33
C ASN B 191 10.85 -11.41 -14.19
N LEU B 192 10.13 -11.55 -15.29
CA LEU B 192 10.49 -12.53 -16.34
C LEU B 192 11.73 -12.04 -17.05
N GLN B 193 12.80 -12.83 -16.96
CA GLN B 193 14.11 -12.46 -17.51
C GLN B 193 14.23 -12.88 -18.96
N PRO B 194 14.38 -11.91 -19.89
CA PRO B 194 14.44 -12.25 -21.32
C PRO B 194 15.67 -13.07 -21.77
N GLU B 195 16.72 -13.10 -20.95
CA GLU B 195 17.86 -14.00 -21.14
C GLU B 195 17.45 -15.47 -20.99
N LYS B 196 16.36 -15.70 -20.23
CA LYS B 196 15.93 -17.02 -19.84
C LYS B 196 14.62 -17.39 -20.49
N VAL B 197 13.71 -16.41 -20.55
CA VAL B 197 12.35 -16.59 -21.04
C VAL B 197 12.28 -16.21 -22.49
N GLN B 198 11.79 -17.14 -23.28
CA GLN B 198 11.58 -16.89 -24.70
C GLN B 198 10.16 -16.38 -24.99
N THR B 199 9.17 -16.93 -24.29
CA THR B 199 7.76 -16.67 -24.58
C THR B 199 6.93 -16.68 -23.32
N LEU B 200 5.98 -15.76 -23.25
CA LEU B 200 4.88 -15.85 -22.32
C LEU B 200 3.64 -16.23 -23.13
N GLU B 201 3.00 -17.33 -22.76
CA GLU B 201 1.81 -17.73 -23.49
C GLU B 201 0.64 -17.63 -22.56
N ALA B 202 -0.34 -16.82 -22.91
CA ALA B 202 -1.49 -16.69 -22.04
C ALA B 202 -2.58 -17.68 -22.49
N TRP B 203 -3.19 -18.34 -21.52
CA TRP B 203 -4.36 -19.17 -21.75
C TRP B 203 -5.56 -18.47 -21.16
N VAL B 204 -6.39 -17.89 -22.03
CA VAL B 204 -7.50 -17.07 -21.54
C VAL B 204 -8.76 -17.91 -21.41
N ILE B 205 -9.14 -18.16 -20.15
CA ILE B 205 -10.22 -19.09 -19.82
C ILE B 205 -11.57 -18.41 -19.88
N HIS B 206 -12.40 -18.92 -20.78
CA HIS B 206 -13.77 -18.44 -20.99
C HIS B 206 -14.67 -18.82 -19.81
N GLY B 207 -15.62 -17.94 -19.49
CA GLY B 207 -16.47 -18.13 -18.33
C GLY B 207 -17.54 -19.18 -18.55
N GLY B 208 -17.32 -20.05 -19.54
CA GLY B 208 -18.28 -21.05 -19.95
C GLY B 208 -19.04 -20.52 -21.15
N ARG B 209 -20.37 -20.48 -21.03
CA ARG B 209 -21.26 -19.85 -22.02
C ARG B 209 -21.02 -20.28 -23.47
N GLU B 210 -20.14 -21.28 -23.63
CA GLU B 210 -19.79 -21.87 -24.93
C GLU B 210 -19.58 -20.82 -26.04
N ASP B 211 -20.65 -20.50 -26.78
CA ASP B 211 -20.64 -19.43 -27.78
C ASP B 211 -19.87 -18.21 -27.30
N SER B 212 -18.85 -17.81 -28.06
CA SER B 212 -17.99 -16.68 -27.66
C SER B 212 -17.01 -16.11 -28.71
N ARG B 213 -16.23 -15.14 -28.23
CA ARG B 213 -15.33 -14.32 -29.04
C ARG B 213 -13.84 -14.56 -28.74
N ASP B 214 -12.99 -13.87 -29.50
CA ASP B 214 -11.55 -14.01 -29.38
C ASP B 214 -11.03 -13.08 -28.30
N LEU B 215 -10.92 -13.62 -27.10
CA LEU B 215 -10.55 -12.81 -25.95
C LEU B 215 -9.08 -12.39 -26.00
N CYS B 216 -8.30 -13.09 -26.82
CA CYS B 216 -6.92 -12.68 -27.07
C CYS B 216 -6.87 -11.31 -27.76
N GLN B 217 -8.04 -10.81 -28.15
CA GLN B 217 -8.14 -9.48 -28.73
C GLN B 217 -8.61 -8.43 -27.73
N ASP B 218 -8.84 -8.85 -26.49
CA ASP B 218 -9.27 -7.93 -25.46
C ASP B 218 -8.18 -6.88 -25.22
N PRO B 219 -8.58 -5.60 -25.12
CA PRO B 219 -7.70 -4.50 -24.77
C PRO B 219 -6.66 -4.78 -23.68
N THR B 220 -7.05 -5.41 -22.57
CA THR B 220 -6.11 -5.70 -21.48
C THR B 220 -5.04 -6.73 -21.87
N ILE B 221 -5.43 -7.65 -22.77
CA ILE B 221 -4.51 -8.64 -23.35
C ILE B 221 -3.53 -7.95 -24.29
N LYS B 222 -4.02 -6.98 -25.06
CA LYS B 222 -3.12 -6.23 -25.92
C LYS B 222 -2.11 -5.36 -25.16
N GLU B 223 -2.46 -4.94 -23.93
CA GLU B 223 -1.51 -4.24 -23.06
C GLU B 223 -0.55 -5.21 -22.43
N LEU B 224 -1.06 -6.36 -22.02
CA LEU B 224 -0.20 -7.42 -21.52
C LEU B 224 0.80 -7.69 -22.66
N GLU B 225 0.30 -7.81 -23.90
CA GLU B 225 1.18 -8.05 -25.02
C GLU B 225 2.19 -6.91 -25.19
N SER B 226 1.78 -5.67 -24.92
CA SER B 226 2.70 -4.55 -25.06
C SER B 226 3.86 -4.63 -24.04
N ILE B 227 3.52 -4.93 -22.77
CA ILE B 227 4.52 -5.05 -21.71
C ILE B 227 5.55 -6.16 -21.96
N ILE B 228 5.08 -7.30 -22.45
CA ILE B 228 5.93 -8.46 -22.71
C ILE B 228 6.82 -8.20 -23.92
N SER B 229 6.27 -7.53 -24.91
CA SER B 229 7.03 -7.14 -26.09
C SER B 229 8.22 -6.29 -25.67
N LYS B 230 7.98 -5.28 -24.85
CA LYS B 230 9.02 -4.30 -24.49
C LYS B 230 10.07 -4.90 -23.53
N ARG B 231 9.79 -6.09 -22.98
CA ARG B 231 10.79 -6.83 -22.21
C ARG B 231 11.63 -7.74 -23.13
N ASN B 232 11.40 -7.64 -24.44
CA ASN B 232 12.10 -8.47 -25.42
C ASN B 232 11.73 -9.96 -25.32
N ILE B 233 10.44 -10.20 -25.00
CA ILE B 233 9.90 -11.55 -24.88
C ILE B 233 8.70 -11.71 -25.82
N GLN B 234 8.59 -12.87 -26.49
CA GLN B 234 7.45 -13.16 -27.35
C GLN B 234 6.16 -13.34 -26.55
N PHE B 235 5.04 -12.90 -27.12
CA PHE B 235 3.74 -13.12 -26.48
C PHE B 235 2.89 -14.05 -27.32
N SER B 236 2.33 -15.08 -26.69
CA SER B 236 1.36 -15.95 -27.34
C SER B 236 0.09 -15.95 -26.53
N CYS B 237 -1.04 -16.14 -27.19
CA CYS B 237 -2.31 -16.21 -26.47
C CYS B 237 -3.23 -17.24 -27.09
N LYS B 238 -3.88 -18.03 -26.23
CA LYS B 238 -4.84 -19.04 -26.65
C LYS B 238 -6.16 -18.85 -25.92
N ASN B 239 -7.26 -18.98 -26.66
CA ASN B 239 -8.59 -19.03 -26.05
C ASN B 239 -8.87 -20.45 -25.59
N ILE B 240 -9.31 -20.60 -24.36
CA ILE B 240 -9.85 -21.87 -23.88
C ILE B 240 -11.35 -21.69 -23.66
N TYR B 241 -12.11 -22.12 -24.66
CA TYR B 241 -13.55 -21.89 -24.69
C TYR B 241 -14.30 -22.69 -23.63
N ARG B 242 -13.88 -23.93 -23.39
CA ARG B 242 -14.53 -24.74 -22.35
C ARG B 242 -13.55 -25.39 -21.36
N PRO B 243 -13.43 -24.79 -20.15
CA PRO B 243 -12.57 -25.24 -19.04
C PRO B 243 -12.84 -26.69 -18.61
N ASP B 244 -14.11 -27.06 -18.66
CA ASP B 244 -14.59 -28.37 -18.27
C ASP B 244 -14.03 -29.44 -19.21
N LYS B 245 -14.19 -29.20 -20.51
CA LYS B 245 -13.59 -30.06 -21.53
C LYS B 245 -12.06 -29.99 -21.51
N PHE B 246 -11.52 -28.77 -21.36
CA PHE B 246 -10.09 -28.58 -21.27
C PHE B 246 -9.52 -29.56 -20.26
N LEU B 247 -10.00 -29.45 -19.02
CA LEU B 247 -9.55 -30.29 -17.91
C LEU B 247 -9.71 -31.78 -18.13
N GLN B 248 -10.80 -32.17 -18.79
CA GLN B 248 -11.01 -33.58 -19.05
C GLN B 248 -10.07 -34.08 -20.13
N CYS B 249 -9.79 -33.24 -21.13
CA CYS B 249 -8.77 -33.52 -22.13
C CYS B 249 -7.40 -33.67 -21.50
N VAL B 250 -7.11 -32.84 -20.51
CA VAL B 250 -5.82 -32.92 -19.82
C VAL B 250 -5.75 -34.23 -19.03
N LYS B 251 -6.84 -34.57 -18.34
CA LYS B 251 -6.96 -35.82 -17.60
C LYS B 251 -6.87 -37.03 -18.52
N ASN B 252 -7.44 -36.90 -19.72
CA ASN B 252 -7.49 -37.97 -20.72
C ASN B 252 -6.84 -37.63 -22.06
N PRO B 253 -5.50 -37.71 -22.13
CA PRO B 253 -4.84 -37.53 -23.41
C PRO B 253 -5.23 -38.70 -24.30
N GLU B 254 -5.02 -38.58 -25.60
CA GLU B 254 -5.50 -39.56 -26.58
C GLU B 254 -7.03 -39.58 -26.52
N ASP B 255 -7.64 -38.69 -27.31
CA ASP B 255 -9.08 -38.45 -27.31
C ASP B 255 -9.41 -37.55 -28.50
N SER B 256 -10.21 -38.08 -29.43
CA SER B 256 -10.54 -37.39 -30.67
C SER B 256 -10.98 -35.94 -30.44
N SER B 257 -12.09 -35.78 -29.71
CA SER B 257 -12.67 -34.47 -29.39
C SER B 257 -11.63 -33.37 -29.16
N CYS B 258 -10.57 -33.72 -28.43
CA CYS B 258 -9.51 -32.80 -28.10
C CYS B 258 -8.55 -32.59 -29.29
#